data_3FUZ
#
_entry.id   3FUZ
#
_cell.length_a   47.617
_cell.length_b   50.724
_cell.length_c   63.254
_cell.angle_alpha   93.52
_cell.angle_beta   96.41
_cell.angle_gamma   117.86
#
_symmetry.space_group_name_H-M   'P 1'
#
loop_
_entity.id
_entity.type
_entity.pdbx_description
1 polymer 'Glutamate receptor, ionotropic kainate 1'
2 non-polymer 'GLUTAMIC ACID'
3 non-polymer 'SULFATE ION'
4 water water
#
_entity_poly.entity_id   1
_entity_poly.type   'polypeptide(L)'
_entity_poly.pdbx_seq_one_letter_code
;ANRTLIVTTILEEPYVMYRKSDKPLYGNDRFEGYCLDLLKELSNILGFIYDVKLVPDGKYGAQNDKGEWNGMVKELIDHR
ADLAVAPLTITYVREKVIDFSKPFMTLGISILYRKGTPIDSADDLAKQTKIEYGAVRDGSTMTFFKKSKISTYEKMWAFM
SSRQQTALVRNSDEGIQRVLTTDYALLMESTSIEYVTQRNCNLTQIGGLIDSKGYGVGTPIGSPYRDKITIAILQLQEEG
KLHMMKEKWWRGNGCP
;
_entity_poly.pdbx_strand_id   A,B
#
loop_
_chem_comp.id
_chem_comp.type
_chem_comp.name
_chem_comp.formula
SO4 non-polymer 'SULFATE ION' 'O4 S -2'
#
# COMPACT_ATOMS: atom_id res chain seq x y z
N ALA A 1 17.35 4.58 30.66
CA ALA A 1 17.16 3.85 29.37
C ALA A 1 15.68 3.83 29.02
N ASN A 2 15.40 3.93 27.73
CA ASN A 2 14.04 3.79 27.22
C ASN A 2 13.47 2.47 27.75
N ARG A 3 12.24 2.46 28.26
CA ARG A 3 11.58 1.22 28.72
C ARG A 3 11.56 0.20 27.58
N THR A 4 11.87 -1.05 27.90
CA THR A 4 11.84 -2.13 26.92
C THR A 4 10.40 -2.31 26.39
N LEU A 5 10.25 -2.24 25.08
CA LEU A 5 8.92 -2.38 24.45
C LEU A 5 8.43 -3.82 24.44
N ILE A 6 7.15 -4.02 24.77
CA ILE A 6 6.53 -5.34 24.70
C ILE A 6 5.91 -5.52 23.32
N VAL A 7 6.40 -6.53 22.60
CA VAL A 7 5.91 -6.82 21.25
C VAL A 7 4.99 -8.04 21.29
N THR A 8 3.74 -7.86 20.93
CA THR A 8 2.85 -9.01 20.73
C THR A 8 3.04 -9.52 19.28
N THR A 9 3.09 -10.84 19.15
CA THR A 9 3.17 -11.48 17.84
C THR A 9 2.49 -12.88 17.84
N ILE A 10 2.63 -13.59 16.74
CA ILE A 10 1.94 -14.89 16.60
C ILE A 10 2.84 -15.76 15.73
N LEU A 11 2.85 -17.07 15.99
CA LEU A 11 3.61 -17.97 15.11
C LEU A 11 2.94 -18.10 13.75
N GLU A 12 3.68 -17.81 12.69
CA GLU A 12 3.17 -17.90 11.32
C GLU A 12 4.36 -17.96 10.37
N GLU A 13 4.47 -19.03 9.59
CA GLU A 13 5.63 -19.16 8.69
C GLU A 13 5.46 -18.25 7.49
N PRO A 14 6.54 -17.59 7.02
CA PRO A 14 7.91 -17.47 7.50
C PRO A 14 8.11 -16.15 8.29
N TYR A 15 7.02 -15.65 8.87
CA TYR A 15 7.09 -14.36 9.57
C TYR A 15 7.69 -14.50 10.98
N VAL A 16 7.20 -15.50 11.72
CA VAL A 16 7.59 -15.76 13.12
C VAL A 16 7.61 -17.27 13.27
N MET A 17 8.79 -17.83 13.55
CA MET A 17 8.98 -19.28 13.66
C MET A 17 9.93 -19.58 14.80
N TYR A 18 9.83 -20.77 15.38
CA TYR A 18 10.83 -21.21 16.33
C TYR A 18 12.14 -21.51 15.62
N ARG A 19 13.22 -20.90 16.11
CA ARG A 19 14.56 -21.21 15.63
C ARG A 19 14.96 -22.63 16.08
N LYS A 20 15.64 -23.36 15.20
CA LYS A 20 16.11 -24.70 15.53
C LYS A 20 17.53 -24.58 16.06
N SER A 21 17.76 -25.13 17.25
CA SER A 21 19.09 -25.11 17.86
C SER A 21 19.30 -26.39 18.69
N ASP A 22 20.56 -26.83 18.78
CA ASP A 22 20.91 -27.99 19.61
C ASP A 22 21.23 -27.57 21.04
N LYS A 23 21.14 -26.26 21.29
CA LYS A 23 21.45 -25.68 22.59
C LYS A 23 20.30 -24.75 23.02
N PRO A 24 20.17 -24.49 24.33
CA PRO A 24 19.03 -23.69 24.81
C PRO A 24 19.03 -22.27 24.27
N LEU A 25 17.82 -21.79 23.94
CA LEU A 25 17.57 -20.43 23.46
C LEU A 25 16.56 -19.81 24.41
N TYR A 26 16.77 -18.55 24.75
CA TYR A 26 15.87 -17.85 25.68
C TYR A 26 15.40 -16.54 25.09
N GLY A 27 14.26 -16.05 25.60
CA GLY A 27 13.75 -14.76 25.16
C GLY A 27 13.61 -14.70 23.67
N ASN A 28 13.98 -13.57 23.10
CA ASN A 28 13.79 -13.32 21.67
C ASN A 28 14.55 -14.28 20.77
N ASP A 29 15.63 -14.85 21.30
CA ASP A 29 16.47 -15.79 20.56
C ASP A 29 15.75 -17.07 20.16
N ARG A 30 14.62 -17.33 20.81
CA ARG A 30 13.78 -18.49 20.43
C ARG A 30 13.13 -18.32 19.04
N PHE A 31 13.03 -17.09 18.55
CA PHE A 31 12.28 -16.81 17.34
C PHE A 31 13.13 -16.33 16.17
N GLU A 32 12.69 -16.67 14.97
CA GLU A 32 13.26 -16.07 13.77
C GLU A 32 12.20 -15.88 12.70
N GLY A 33 12.54 -15.13 11.66
CA GLY A 33 11.61 -14.93 10.54
C GLY A 33 11.59 -13.49 10.06
N TYR A 34 10.79 -13.27 9.02
CA TYR A 34 10.65 -11.95 8.41
C TYR A 34 10.36 -10.86 9.45
N CYS A 35 9.40 -11.11 10.36
CA CYS A 35 9.00 -10.10 11.36
C CYS A 35 10.08 -9.85 12.45
N LEU A 36 10.86 -10.88 12.75
CA LEU A 36 12.00 -10.70 13.65
C LEU A 36 13.08 -9.82 13.01
N ASP A 37 13.39 -10.08 11.73
CA ASP A 37 14.29 -9.18 10.98
C ASP A 37 13.72 -7.75 10.92
N LEU A 38 12.41 -7.62 10.67
CA LEU A 38 11.80 -6.29 10.61
C LEU A 38 11.97 -5.57 11.95
N LEU A 39 11.76 -6.31 13.04
CA LEU A 39 11.95 -5.79 14.39
C LEU A 39 13.38 -5.33 14.64
N LYS A 40 14.36 -6.09 14.16
CA LYS A 40 15.76 -5.72 14.31
C LYS A 40 16.04 -4.41 13.60
N GLU A 41 15.49 -4.24 12.40
CA GLU A 41 15.65 -3.00 11.63
C GLU A 41 14.95 -1.81 12.31
N LEU A 42 13.69 -2.00 12.68
CA LEU A 42 12.86 -0.95 13.27
C LEU A 42 13.44 -0.46 14.59
N SER A 43 13.85 -1.40 15.43
CA SER A 43 14.45 -1.10 16.72
C SER A 43 15.78 -0.33 16.58
N ASN A 44 16.59 -0.68 15.58
CA ASN A 44 17.79 0.14 15.30
C ASN A 44 17.45 1.60 14.97
N ILE A 45 16.44 1.78 14.13
CA ILE A 45 16.09 3.12 13.63
C ILE A 45 15.46 3.94 14.75
N LEU A 46 14.66 3.29 15.60
CA LEU A 46 13.90 4.02 16.63
C LEU A 46 14.62 4.10 17.99
N GLY A 47 15.63 3.24 18.19
CA GLY A 47 16.43 3.26 19.41
C GLY A 47 15.79 2.59 20.59
N PHE A 48 15.26 1.39 20.39
CA PHE A 48 14.74 0.57 21.51
C PHE A 48 15.17 -0.90 21.46
N ILE A 49 15.10 -1.56 22.63
CA ILE A 49 15.10 -3.01 22.69
C ILE A 49 13.68 -3.45 23.04
N TYR A 50 13.42 -4.75 22.95
CA TYR A 50 12.05 -5.23 23.00
C TYR A 50 12.00 -6.65 23.48
N ASP A 51 10.79 -7.05 23.86
CA ASP A 51 10.54 -8.36 24.42
C ASP A 51 9.40 -8.97 23.62
N VAL A 52 9.67 -10.03 22.87
CA VAL A 52 8.65 -10.67 22.02
C VAL A 52 7.80 -11.61 22.84
N LYS A 53 6.48 -11.42 22.79
CA LYS A 53 5.57 -12.27 23.58
C LYS A 53 4.49 -12.80 22.67
N LEU A 54 4.41 -14.12 22.52
CA LEU A 54 3.34 -14.71 21.70
C LEU A 54 1.97 -14.39 22.33
N VAL A 55 1.02 -14.02 21.46
CA VAL A 55 -0.31 -13.64 21.94
C VAL A 55 -0.92 -14.85 22.67
N PRO A 56 -1.35 -14.66 23.92
CA PRO A 56 -1.78 -15.83 24.70
C PRO A 56 -2.89 -16.68 24.07
N ASP A 57 -3.85 -16.05 23.41
CA ASP A 57 -4.97 -16.81 22.83
C ASP A 57 -4.73 -17.32 21.41
N GLY A 58 -3.55 -17.01 20.89
CA GLY A 58 -3.12 -17.48 19.57
C GLY A 58 -3.94 -16.94 18.41
N LYS A 59 -4.61 -15.80 18.62
CA LYS A 59 -5.49 -15.22 17.58
C LYS A 59 -4.95 -13.89 17.06
N TYR A 60 -5.27 -13.57 15.80
CA TYR A 60 -4.94 -12.26 15.21
C TYR A 60 -5.85 -11.21 15.83
N GLY A 61 -7.16 -11.45 15.73
CA GLY A 61 -8.13 -10.61 16.43
C GLY A 61 -9.39 -10.27 15.65
N ALA A 62 -10.51 -10.45 16.31
CA ALA A 62 -11.81 -10.05 15.75
C ALA A 62 -12.74 -9.71 16.87
N GLN A 63 -13.85 -9.06 16.52
CA GLN A 63 -14.80 -8.65 17.55
C GLN A 63 -16.02 -9.56 17.61
N ASN A 64 -16.49 -9.84 18.81
CA ASN A 64 -17.63 -10.74 18.93
C ASN A 64 -18.93 -9.95 18.88
N ASP A 65 -20.02 -10.70 19.06
CA ASP A 65 -21.38 -10.22 19.30
C ASP A 65 -21.45 -8.98 20.20
N LYS A 66 -20.83 -9.07 21.38
CA LYS A 66 -20.80 -7.97 22.35
C LYS A 66 -19.87 -6.84 21.98
N GLY A 67 -19.13 -6.99 20.88
CA GLY A 67 -18.19 -5.97 20.43
C GLY A 67 -16.82 -6.08 21.08
N GLU A 68 -16.59 -7.17 21.80
CA GLU A 68 -15.32 -7.35 22.50
C GLU A 68 -14.32 -7.94 21.51
N TRP A 69 -13.10 -7.45 21.54
CA TRP A 69 -12.02 -7.99 20.71
C TRP A 69 -11.21 -9.09 21.38
N ASN A 70 -10.51 -9.87 20.55
CA ASN A 70 -9.53 -10.83 21.08
C ASN A 70 -8.18 -10.69 20.33
N GLY A 71 -7.30 -11.66 20.54
CA GLY A 71 -6.04 -11.72 19.82
C GLY A 71 -5.10 -10.54 20.03
N MET A 72 -4.26 -10.31 19.04
CA MET A 72 -3.23 -9.24 19.13
C MET A 72 -3.91 -7.90 19.21
N VAL A 73 -5.06 -7.78 18.51
CA VAL A 73 -5.81 -6.52 18.54
C VAL A 73 -6.17 -6.19 20.02
N LYS A 74 -6.73 -7.17 20.74
CA LYS A 74 -7.10 -6.97 22.15
C LYS A 74 -5.87 -6.56 22.99
N GLU A 75 -4.73 -7.20 22.77
CA GLU A 75 -3.49 -6.88 23.49
C GLU A 75 -3.13 -5.41 23.34
N LEU A 76 -3.31 -4.86 22.15
CA LEU A 76 -3.01 -3.44 21.89
C LEU A 76 -4.08 -2.56 22.53
N ILE A 77 -5.36 -2.87 22.31
CA ILE A 77 -6.44 -2.06 22.88
C ILE A 77 -6.26 -1.94 24.42
N ASP A 78 -5.93 -3.07 25.05
CA ASP A 78 -5.76 -3.15 26.51
C ASP A 78 -4.39 -2.69 27.02
N HIS A 79 -3.57 -2.14 26.12
CA HIS A 79 -2.21 -1.72 26.42
C HIS A 79 -1.46 -2.81 27.20
N ARG A 80 -1.59 -4.05 26.75
CA ARG A 80 -0.75 -5.12 27.25
C ARG A 80 0.53 -5.20 26.44
N ALA A 81 0.51 -4.66 25.22
CA ALA A 81 1.69 -4.61 24.39
C ALA A 81 1.87 -3.21 23.80
N ASP A 82 3.12 -2.84 23.54
CA ASP A 82 3.43 -1.57 22.90
C ASP A 82 3.24 -1.62 21.37
N LEU A 83 3.58 -2.77 20.79
CA LEU A 83 3.54 -2.94 19.33
C LEU A 83 3.11 -4.36 19.01
N ALA A 84 2.43 -4.52 17.88
CA ALA A 84 2.21 -5.84 17.28
C ALA A 84 3.02 -5.91 15.99
N VAL A 85 4.03 -6.77 15.96
CA VAL A 85 4.85 -6.93 14.76
C VAL A 85 4.62 -8.36 14.30
N ALA A 86 3.80 -8.48 13.26
CA ALA A 86 3.26 -9.75 12.82
C ALA A 86 2.65 -9.48 11.45
N PRO A 87 2.26 -10.55 10.71
CA PRO A 87 1.50 -10.31 9.47
C PRO A 87 0.06 -9.91 9.84
N LEU A 88 -0.07 -8.66 10.30
CA LEU A 88 -1.32 -8.15 10.83
C LEU A 88 -1.97 -7.27 9.80
N THR A 89 -3.11 -7.72 9.32
CA THR A 89 -3.75 -7.08 8.18
C THR A 89 -4.40 -5.78 8.58
N ILE A 90 -4.14 -4.74 7.79
CA ILE A 90 -4.71 -3.41 8.00
C ILE A 90 -6.12 -3.38 7.42
N THR A 91 -7.09 -3.20 8.31
CA THR A 91 -8.49 -3.21 7.92
C THR A 91 -9.22 -2.03 8.58
N TYR A 92 -10.32 -1.61 7.95
CA TYR A 92 -11.20 -0.52 8.42
C TYR A 92 -11.67 -0.78 9.86
N VAL A 93 -12.17 -2.00 10.12
CA VAL A 93 -12.69 -2.32 11.45
C VAL A 93 -11.60 -2.24 12.50
N ARG A 94 -10.40 -2.71 12.17
CA ARG A 94 -9.28 -2.65 13.11
C ARG A 94 -8.73 -1.25 13.29
N GLU A 95 -8.67 -0.49 12.20
CA GLU A 95 -8.08 0.84 12.22
C GLU A 95 -8.88 1.82 13.11
N LYS A 96 -10.17 1.54 13.30
CA LYS A 96 -10.99 2.32 14.23
C LYS A 96 -10.62 2.10 15.69
N VAL A 97 -9.99 0.97 16.00
CA VAL A 97 -9.69 0.64 17.42
C VAL A 97 -8.21 0.62 17.81
N ILE A 98 -7.30 0.46 16.83
CA ILE A 98 -5.85 0.58 17.04
C ILE A 98 -5.25 1.51 16.00
N ASP A 99 -3.96 1.88 16.17
CA ASP A 99 -3.26 2.68 15.16
C ASP A 99 -2.31 1.78 14.41
N PHE A 100 -2.51 1.65 13.11
CA PHE A 100 -1.58 0.90 12.28
C PHE A 100 -0.50 1.80 11.68
N SER A 101 0.73 1.30 11.61
CA SER A 101 1.70 1.86 10.67
C SER A 101 1.22 1.76 9.21
N LYS A 102 1.91 2.48 8.34
CA LYS A 102 1.78 2.23 6.91
C LYS A 102 2.23 0.80 6.59
N PRO A 103 1.71 0.24 5.48
CA PRO A 103 1.95 -1.17 5.20
C PRO A 103 3.43 -1.49 4.89
N PHE A 104 3.91 -2.65 5.34
CA PHE A 104 5.22 -3.16 4.94
C PHE A 104 5.18 -4.28 3.91
N MET A 105 3.97 -4.77 3.60
CA MET A 105 3.80 -5.84 2.61
C MET A 105 2.36 -5.80 2.13
N THR A 106 2.15 -6.14 0.85
CA THR A 106 0.82 -6.18 0.28
C THR A 106 0.40 -7.61 -0.05
N LEU A 107 -0.91 -7.84 -0.10
CA LEU A 107 -1.46 -9.17 -0.25
C LEU A 107 -2.94 -9.07 -0.52
N GLY A 108 -3.54 -10.23 -0.76
CA GLY A 108 -4.96 -10.32 -1.00
C GLY A 108 -5.39 -11.73 -0.66
N ILE A 109 -6.65 -11.88 -0.28
CA ILE A 109 -7.19 -13.21 -0.01
C ILE A 109 -7.26 -13.99 -1.33
N SER A 110 -6.87 -15.25 -1.29
CA SER A 110 -7.11 -16.16 -2.41
C SER A 110 -7.46 -17.56 -1.85
N ILE A 111 -7.46 -18.57 -2.70
CA ILE A 111 -7.84 -19.93 -2.28
C ILE A 111 -6.67 -20.90 -2.38
N LEU A 112 -6.50 -21.71 -1.32
CA LEU A 112 -5.50 -22.79 -1.26
C LEU A 112 -6.23 -24.10 -1.29
N TYR A 113 -5.90 -24.95 -2.27
CA TYR A 113 -6.46 -26.28 -2.30
C TYR A 113 -5.43 -27.28 -2.87
N ARG A 114 -5.84 -28.54 -2.95
CA ARG A 114 -5.05 -29.52 -3.68
C ARG A 114 -5.26 -29.35 -5.18
N LYS A 115 -4.50 -30.10 -5.96
CA LYS A 115 -4.60 -30.04 -7.39
C LYS A 115 -5.68 -30.96 -7.94
N GLY A 116 -6.09 -30.70 -9.16
CA GLY A 116 -6.90 -31.66 -9.90
C GLY A 116 -8.38 -31.36 -10.08
N THR A 117 -8.88 -30.28 -9.48
CA THR A 117 -10.29 -29.96 -9.59
C THR A 117 -10.57 -28.93 -10.69
N PRO A 118 -11.84 -28.81 -11.11
CA PRO A 118 -12.18 -27.79 -12.08
C PRO A 118 -12.52 -26.45 -11.43
N ILE A 119 -12.36 -26.35 -10.10
CA ILE A 119 -12.68 -25.12 -9.38
C ILE A 119 -11.64 -24.08 -9.75
N ASP A 120 -12.11 -22.95 -10.26
CA ASP A 120 -11.19 -21.94 -10.79
C ASP A 120 -11.36 -20.58 -10.13
N SER A 121 -12.26 -20.47 -9.16
CA SER A 121 -12.65 -19.16 -8.60
C SER A 121 -13.49 -19.32 -7.34
N ALA A 122 -13.65 -18.22 -6.59
CA ALA A 122 -14.56 -18.19 -5.44
C ALA A 122 -15.99 -18.57 -5.87
N ASP A 123 -16.46 -18.00 -6.97
CA ASP A 123 -17.78 -18.34 -7.50
C ASP A 123 -17.95 -19.86 -7.66
N ASP A 124 -16.97 -20.52 -8.29
CA ASP A 124 -17.00 -21.97 -8.45
C ASP A 124 -17.06 -22.65 -7.11
N LEU A 125 -16.19 -22.22 -6.21
CA LEU A 125 -16.09 -22.82 -4.90
C LEU A 125 -17.40 -22.73 -4.10
N ALA A 126 -18.02 -21.55 -4.11
CA ALA A 126 -19.29 -21.33 -3.42
C ALA A 126 -20.42 -22.16 -4.01
N LYS A 127 -20.37 -22.40 -5.32
CA LYS A 127 -21.46 -23.07 -6.03
C LYS A 127 -21.46 -24.57 -5.82
N GLN A 128 -20.27 -25.15 -5.91
CA GLN A 128 -20.14 -26.59 -5.79
C GLN A 128 -20.40 -27.00 -4.35
N THR A 129 -20.71 -28.29 -4.18
CA THR A 129 -21.09 -28.84 -2.89
C THR A 129 -20.19 -30.01 -2.46
N LYS A 130 -19.16 -30.31 -3.25
CA LYS A 130 -18.24 -31.44 -2.95
C LYS A 130 -17.20 -31.11 -1.85
N ILE A 131 -16.63 -29.92 -1.95
CA ILE A 131 -15.47 -29.49 -1.15
C ILE A 131 -15.93 -28.45 -0.12
N GLU A 132 -15.54 -28.66 1.13
CA GLU A 132 -15.81 -27.72 2.23
C GLU A 132 -14.80 -26.57 2.10
N TYR A 133 -15.03 -25.45 2.78
CA TYR A 133 -14.04 -24.36 2.77
C TYR A 133 -14.21 -23.49 4.00
N GLY A 134 -13.16 -22.77 4.36
CA GLY A 134 -13.24 -21.91 5.54
C GLY A 134 -12.01 -21.04 5.60
N ALA A 135 -11.77 -20.51 6.78
CA ALA A 135 -10.68 -19.55 7.00
C ALA A 135 -10.21 -19.66 8.46
N VAL A 136 -9.09 -19.01 8.78
CA VAL A 136 -8.63 -18.98 10.17
C VAL A 136 -9.65 -18.23 11.07
N ARG A 137 -10.11 -18.88 12.13
CA ARG A 137 -11.09 -18.25 13.01
C ARG A 137 -10.49 -16.96 13.59
N ASP A 138 -11.29 -15.89 13.58
CA ASP A 138 -10.90 -14.62 14.22
C ASP A 138 -9.71 -13.87 13.58
N GLY A 139 -9.48 -14.12 12.29
CA GLY A 139 -8.54 -13.34 11.51
C GLY A 139 -9.31 -12.46 10.51
N SER A 140 -8.54 -11.70 9.72
CA SER A 140 -9.14 -10.72 8.82
C SER A 140 -9.87 -11.35 7.62
N THR A 141 -9.43 -12.53 7.21
CA THR A 141 -10.14 -13.24 6.12
C THR A 141 -11.55 -13.62 6.59
N MET A 142 -11.63 -14.18 7.81
CA MET A 142 -12.95 -14.47 8.38
C MET A 142 -13.83 -13.20 8.40
N THR A 143 -13.25 -12.10 8.88
CA THR A 143 -14.00 -10.87 9.00
C THR A 143 -14.38 -10.30 7.64
N PHE A 144 -13.53 -10.52 6.63
CA PHE A 144 -13.83 -10.07 5.27
C PHE A 144 -15.15 -10.67 4.80
N PHE A 145 -15.26 -11.98 4.94
CA PHE A 145 -16.49 -12.67 4.54
C PHE A 145 -17.67 -12.23 5.40
N LYS A 146 -17.45 -12.11 6.71
CA LYS A 146 -18.49 -11.74 7.65
C LYS A 146 -19.14 -10.40 7.30
N LYS A 147 -18.31 -9.46 6.81
CA LYS A 147 -18.74 -8.08 6.53
C LYS A 147 -19.13 -7.85 5.08
N SER A 148 -18.87 -8.84 4.21
CA SER A 148 -19.09 -8.68 2.77
C SER A 148 -20.55 -8.44 2.38
N LYS A 149 -20.74 -7.54 1.41
CA LYS A 149 -22.05 -7.30 0.80
C LYS A 149 -22.09 -7.81 -0.67
N ILE A 150 -21.06 -8.57 -1.03
CA ILE A 150 -20.98 -9.23 -2.33
C ILE A 150 -21.67 -10.60 -2.24
N SER A 151 -22.64 -10.86 -3.12
CA SER A 151 -23.50 -12.02 -2.97
C SER A 151 -22.78 -13.35 -2.78
N THR A 152 -21.82 -13.66 -3.66
CA THR A 152 -21.04 -14.91 -3.54
C THR A 152 -20.39 -15.00 -2.15
N TYR A 153 -19.81 -13.89 -1.68
CA TYR A 153 -19.12 -13.87 -0.38
C TYR A 153 -20.10 -13.92 0.79
N GLU A 154 -21.27 -13.31 0.66
CA GLU A 154 -22.32 -13.49 1.65
C GLU A 154 -22.72 -14.98 1.83
N LYS A 155 -22.84 -15.70 0.71
CA LYS A 155 -23.16 -17.12 0.71
C LYS A 155 -22.01 -17.87 1.41
N MET A 156 -20.78 -17.56 1.02
CA MET A 156 -19.61 -18.24 1.59
C MET A 156 -19.55 -18.02 3.11
N TRP A 157 -19.88 -16.81 3.56
CA TRP A 157 -19.92 -16.55 4.99
C TRP A 157 -21.02 -17.37 5.68
N ALA A 158 -22.22 -17.39 5.09
CA ALA A 158 -23.32 -18.16 5.66
C ALA A 158 -22.88 -19.62 5.81
N PHE A 159 -22.21 -20.16 4.78
CA PHE A 159 -21.71 -21.54 4.81
C PHE A 159 -20.67 -21.75 5.92
N MET A 160 -19.63 -20.91 5.93
CA MET A 160 -18.57 -20.99 6.94
C MET A 160 -19.11 -20.87 8.34
N SER A 161 -20.05 -19.95 8.52
CA SER A 161 -20.66 -19.67 9.82
C SER A 161 -21.55 -20.85 10.25
N SER A 162 -22.23 -21.47 9.29
CA SER A 162 -23.11 -22.60 9.55
C SER A 162 -22.31 -23.83 9.97
N ARG A 163 -21.11 -23.96 9.40
CA ARG A 163 -20.20 -25.08 9.65
C ARG A 163 -19.00 -24.62 10.47
N GLN A 164 -19.21 -23.60 11.30
CA GLN A 164 -18.09 -22.92 11.98
C GLN A 164 -17.21 -23.87 12.78
N GLN A 165 -17.83 -24.83 13.47
CA GLN A 165 -17.12 -25.74 14.37
C GLN A 165 -15.98 -26.41 13.61
N THR A 166 -16.24 -26.71 12.34
CA THR A 166 -15.28 -27.44 11.51
C THR A 166 -14.60 -26.54 10.49
N ALA A 167 -15.39 -25.66 9.85
CA ALA A 167 -14.91 -24.87 8.72
C ALA A 167 -13.90 -23.79 9.10
N LEU A 168 -14.03 -23.25 10.31
CA LEU A 168 -13.13 -22.20 10.78
C LEU A 168 -12.03 -22.78 11.63
N VAL A 169 -10.82 -22.80 11.08
CA VAL A 169 -9.65 -23.48 11.68
C VAL A 169 -8.87 -22.59 12.65
N ARG A 170 -8.11 -23.21 13.54
CA ARG A 170 -7.45 -22.49 14.62
C ARG A 170 -6.35 -21.58 14.11
N ASN A 171 -5.61 -22.08 13.14
CA ASN A 171 -4.49 -21.35 12.57
C ASN A 171 -4.20 -21.89 11.18
N SER A 172 -3.30 -21.20 10.49
CA SER A 172 -2.95 -21.54 9.10
C SER A 172 -2.38 -22.93 8.98
N ASP A 173 -1.54 -23.33 9.93
CA ASP A 173 -0.98 -24.68 9.92
C ASP A 173 -2.05 -25.77 9.96
N GLU A 174 -3.05 -25.61 10.83
CA GLU A 174 -4.16 -26.57 10.92
C GLU A 174 -5.02 -26.53 9.65
N GLY A 175 -5.12 -25.34 9.06
CA GLY A 175 -5.87 -25.19 7.81
C GLY A 175 -5.15 -25.91 6.67
N ILE A 176 -3.84 -25.77 6.61
CA ILE A 176 -3.03 -26.50 5.59
C ILE A 176 -3.21 -28.02 5.77
N GLN A 177 -3.09 -28.51 7.00
CA GLN A 177 -3.33 -29.94 7.24
C GLN A 177 -4.71 -30.39 6.78
N ARG A 178 -5.72 -29.55 7.00
CA ARG A 178 -7.09 -29.90 6.64
C ARG A 178 -7.20 -29.98 5.11
N VAL A 179 -6.56 -29.05 4.42
CA VAL A 179 -6.49 -29.09 2.94
C VAL A 179 -5.84 -30.38 2.44
N LEU A 180 -4.77 -30.80 3.10
CA LEU A 180 -4.01 -31.97 2.66
C LEU A 180 -4.72 -33.28 2.90
N THR A 181 -5.52 -33.34 3.97
CA THR A 181 -6.05 -34.59 4.50
C THR A 181 -7.56 -34.82 4.33
N THR A 182 -8.29 -33.74 3.98
CA THR A 182 -9.74 -33.79 3.77
C THR A 182 -10.11 -32.95 2.53
N ASP A 183 -11.35 -33.08 2.06
CA ASP A 183 -11.82 -32.24 0.94
C ASP A 183 -12.22 -30.87 1.45
N TYR A 184 -11.21 -30.03 1.66
CA TYR A 184 -11.42 -28.71 2.24
C TYR A 184 -10.45 -27.75 1.56
N ALA A 185 -10.95 -26.58 1.19
CA ALA A 185 -10.13 -25.49 0.66
C ALA A 185 -10.03 -24.37 1.68
N LEU A 186 -8.85 -23.78 1.78
CA LEU A 186 -8.58 -22.74 2.75
C LEU A 186 -8.55 -21.37 2.10
N LEU A 187 -9.29 -20.42 2.66
CA LEU A 187 -9.24 -19.05 2.16
C LEU A 187 -8.08 -18.45 2.94
N MET A 188 -7.02 -18.11 2.23
CA MET A 188 -5.71 -17.74 2.80
C MET A 188 -5.12 -16.53 2.07
N GLU A 189 -4.37 -15.72 2.81
CA GLU A 189 -3.69 -14.56 2.22
C GLU A 189 -2.58 -14.98 1.22
N SER A 190 -2.51 -14.23 0.11
CA SER A 190 -1.72 -14.65 -1.05
C SER A 190 -0.22 -14.85 -0.78
N THR A 191 0.34 -14.05 0.14
CA THR A 191 1.75 -14.15 0.52
C THR A 191 2.00 -15.48 1.23
N SER A 192 1.03 -15.92 2.04
CA SER A 192 1.12 -17.24 2.69
C SER A 192 0.93 -18.38 1.67
N ILE A 193 0.06 -18.16 0.70
CA ILE A 193 -0.12 -19.15 -0.39
C ILE A 193 1.17 -19.28 -1.18
N GLU A 194 1.75 -18.13 -1.54
CA GLU A 194 3.02 -18.11 -2.29
C GLU A 194 4.09 -18.92 -1.55
N TYR A 195 4.16 -18.71 -0.23
CA TYR A 195 5.16 -19.41 0.57
C TYR A 195 4.95 -20.92 0.56
N VAL A 196 3.73 -21.38 0.87
CA VAL A 196 3.48 -22.81 1.01
C VAL A 196 3.51 -23.54 -0.32
N THR A 197 3.02 -22.91 -1.39
CA THR A 197 2.98 -23.64 -2.67
C THR A 197 4.33 -23.79 -3.32
N GLN A 198 5.33 -23.02 -2.88
CA GLN A 198 6.69 -23.28 -3.36
C GLN A 198 7.47 -24.31 -2.51
N ARG A 199 6.79 -24.88 -1.52
CA ARG A 199 7.39 -25.86 -0.61
C ARG A 199 6.66 -27.18 -0.57
N ASN A 200 5.35 -27.13 -0.79
CA ASN A 200 4.58 -28.34 -0.90
C ASN A 200 3.93 -28.43 -2.29
N CYS A 201 4.46 -29.27 -3.14
CA CYS A 201 4.00 -29.30 -4.53
C CYS A 201 2.62 -29.95 -4.74
N ASN A 202 1.99 -30.39 -3.66
CA ASN A 202 0.64 -30.94 -3.74
C ASN A 202 -0.42 -29.86 -3.61
N LEU A 203 0.05 -28.66 -3.26
CA LEU A 203 -0.82 -27.49 -3.05
C LEU A 203 -0.78 -26.49 -4.20
N THR A 204 -1.88 -25.79 -4.39
CA THR A 204 -1.96 -24.78 -5.45
C THR A 204 -2.88 -23.66 -5.04
N GLN A 205 -2.64 -22.48 -5.60
CA GLN A 205 -3.60 -21.37 -5.50
C GLN A 205 -4.73 -21.61 -6.51
N ILE A 206 -5.97 -21.35 -6.11
CA ILE A 206 -7.09 -21.37 -7.02
C ILE A 206 -7.61 -19.94 -7.26
N GLY A 207 -7.69 -19.54 -8.51
CA GLY A 207 -8.18 -18.20 -8.86
C GLY A 207 -7.19 -17.11 -8.52
N GLY A 208 -7.65 -15.88 -8.60
CA GLY A 208 -6.77 -14.73 -8.36
C GLY A 208 -6.98 -14.22 -6.96
N LEU A 209 -6.61 -12.96 -6.77
CA LEU A 209 -6.78 -12.30 -5.48
C LEU A 209 -8.17 -11.70 -5.45
N ILE A 210 -8.86 -11.90 -4.32
CA ILE A 210 -10.23 -11.43 -4.17
C ILE A 210 -10.31 -9.99 -3.64
N ASP A 211 -9.20 -9.52 -3.06
CA ASP A 211 -9.11 -8.16 -2.58
C ASP A 211 -7.61 -7.78 -2.53
N SER A 212 -7.32 -6.58 -2.04
CA SER A 212 -5.97 -6.08 -2.00
C SER A 212 -5.84 -5.20 -0.77
N LYS A 213 -4.79 -5.47 0.01
CA LYS A 213 -4.57 -4.76 1.27
C LYS A 213 -3.16 -4.99 1.76
N GLY A 214 -2.89 -4.54 2.99
CA GLY A 214 -1.52 -4.58 3.51
C GLY A 214 -1.40 -5.09 4.92
N TYR A 215 -0.20 -5.56 5.28
CA TYR A 215 0.18 -5.82 6.68
C TYR A 215 0.82 -4.56 7.27
N GLY A 216 0.48 -4.25 8.51
CA GLY A 216 1.12 -3.10 9.18
C GLY A 216 1.48 -3.46 10.61
N VAL A 217 2.39 -2.69 11.18
CA VAL A 217 2.64 -2.79 12.62
C VAL A 217 1.49 -2.13 13.41
N GLY A 218 0.93 -2.84 14.38
CA GLY A 218 -0.15 -2.28 15.19
C GLY A 218 0.39 -1.64 16.45
N THR A 219 -0.24 -0.53 16.86
CA THR A 219 0.05 0.11 18.13
C THR A 219 -1.28 0.53 18.75
N PRO A 220 -1.32 0.72 20.08
CA PRO A 220 -2.56 1.23 20.69
C PRO A 220 -2.85 2.63 20.15
N ILE A 221 -4.14 2.97 20.04
CA ILE A 221 -4.53 4.33 19.60
C ILE A 221 -3.81 5.35 20.47
N GLY A 222 -3.20 6.33 19.81
CA GLY A 222 -2.50 7.39 20.51
C GLY A 222 -1.06 7.07 20.81
N SER A 223 -0.59 5.91 20.36
CA SER A 223 0.80 5.55 20.57
C SER A 223 1.75 6.59 19.98
N PRO A 224 2.78 6.97 20.75
CA PRO A 224 3.82 7.87 20.26
C PRO A 224 4.80 7.17 19.31
N TYR A 225 4.70 5.85 19.18
CA TYR A 225 5.58 5.07 18.30
C TYR A 225 5.04 4.87 16.90
N ARG A 226 3.71 4.96 16.71
CA ARG A 226 3.14 4.62 15.40
C ARG A 226 3.76 5.44 14.28
N ASP A 227 3.82 6.75 14.44
CA ASP A 227 4.35 7.62 13.37
C ASP A 227 5.83 7.40 13.10
N LYS A 228 6.59 7.19 14.18
CA LYS A 228 8.02 6.82 14.10
C LYS A 228 8.19 5.50 13.33
N ILE A 229 7.30 4.55 13.61
CA ILE A 229 7.32 3.26 12.92
C ILE A 229 6.98 3.41 11.45
N THR A 230 5.94 4.18 11.15
CA THR A 230 5.59 4.50 9.77
C THR A 230 6.77 5.08 8.99
N ILE A 231 7.42 6.07 9.58
CA ILE A 231 8.59 6.71 8.97
C ILE A 231 9.73 5.69 8.73
N ALA A 232 10.00 4.86 9.73
CA ALA A 232 10.99 3.77 9.60
C ALA A 232 10.64 2.77 8.48
N ILE A 233 9.36 2.38 8.41
CA ILE A 233 8.91 1.46 7.37
C ILE A 233 9.14 2.05 5.98
N LEU A 234 8.80 3.32 5.82
CA LEU A 234 9.00 4.01 4.54
C LEU A 234 10.48 4.06 4.17
N GLN A 235 11.33 4.33 5.17
CA GLN A 235 12.79 4.33 4.98
C GLN A 235 13.23 2.94 4.47
N LEU A 236 12.79 1.89 5.15
CA LEU A 236 13.15 0.51 4.75
C LEU A 236 12.61 0.16 3.35
N GLN A 237 11.41 0.62 3.05
CA GLN A 237 10.75 0.43 1.75
C GLN A 237 11.63 1.05 0.68
N GLU A 238 11.95 2.33 0.86
CA GLU A 238 12.69 3.09 -0.15
C GLU A 238 14.11 2.56 -0.33
N GLU A 239 14.72 2.07 0.75
CA GLU A 239 16.11 1.57 0.71
C GLU A 239 16.17 0.18 0.07
N GLY A 240 15.01 -0.41 -0.19
CA GLY A 240 14.93 -1.74 -0.80
C GLY A 240 15.07 -2.87 0.21
N LYS A 241 15.16 -2.50 1.48
CA LYS A 241 15.36 -3.49 2.55
C LYS A 241 14.17 -4.41 2.77
N LEU A 242 12.95 -3.88 2.63
CA LEU A 242 11.77 -4.74 2.77
C LEU A 242 11.75 -5.81 1.67
N HIS A 243 12.08 -5.39 0.44
CA HIS A 243 12.19 -6.30 -0.68
C HIS A 243 13.22 -7.41 -0.41
N MET A 244 14.41 -7.01 0.00
CA MET A 244 15.44 -7.97 0.38
C MET A 244 14.98 -8.95 1.46
N MET A 245 14.27 -8.45 2.47
CA MET A 245 13.82 -9.32 3.55
C MET A 245 12.80 -10.35 3.03
N LYS A 246 11.97 -9.92 2.07
CA LYS A 246 10.99 -10.86 1.51
C LYS A 246 11.72 -11.95 0.72
N GLU A 247 12.70 -11.55 -0.09
CA GLU A 247 13.48 -12.52 -0.86
C GLU A 247 14.17 -13.52 0.06
N LYS A 248 14.71 -13.05 1.18
CA LYS A 248 15.41 -13.92 2.14
C LYS A 248 14.49 -15.02 2.70
N TRP A 249 13.25 -14.66 3.03
CA TRP A 249 12.38 -15.59 3.76
C TRP A 249 11.45 -16.40 2.88
N TRP A 250 11.26 -15.97 1.63
CA TRP A 250 10.43 -16.72 0.69
C TRP A 250 11.19 -17.60 -0.30
N ARG A 251 12.42 -17.23 -0.66
CA ARG A 251 13.20 -17.96 -1.70
C ARG A 251 13.33 -19.46 -1.39
N GLY A 252 13.33 -20.36 -2.40
CA GLY A 252 13.13 -20.07 -3.85
C GLY A 252 11.65 -20.04 -4.26
N ASN A 253 11.18 -20.73 -5.32
CA ASN A 253 11.89 -21.63 -6.26
C ASN A 253 11.82 -23.16 -5.94
N GLY A 254 10.59 -23.70 -5.82
CA GLY A 254 10.40 -25.05 -5.31
C GLY A 254 9.54 -26.06 -6.07
N CYS A 255 8.56 -25.58 -6.84
CA CYS A 255 7.57 -26.45 -7.50
C CYS A 255 7.26 -26.00 -8.92
N PRO A 256 6.89 -26.95 -9.80
CA PRO A 256 6.54 -26.59 -11.19
C PRO A 256 5.27 -25.73 -11.25
N ALA B 1 -21.96 25.15 12.09
CA ALA B 1 -21.44 24.28 11.00
C ALA B 1 -19.92 24.27 11.02
N ASN B 2 -19.34 23.11 10.76
CA ASN B 2 -17.89 22.97 10.62
C ASN B 2 -17.39 23.98 9.61
N ARG B 3 -16.29 24.66 9.92
CA ARG B 3 -15.58 25.52 8.96
C ARG B 3 -15.27 24.68 7.72
N THR B 4 -15.62 25.24 6.56
CA THR B 4 -15.34 24.63 5.26
C THR B 4 -13.86 24.30 5.16
N LEU B 5 -13.54 23.06 4.81
CA LEU B 5 -12.13 22.69 4.71
C LEU B 5 -11.48 23.21 3.42
N ILE B 6 -10.23 23.63 3.54
CA ILE B 6 -9.45 24.07 2.40
C ILE B 6 -8.66 22.88 1.89
N VAL B 7 -8.88 22.55 0.62
CA VAL B 7 -8.19 21.45 -0.02
C VAL B 7 -7.18 21.98 -1.02
N THR B 8 -5.90 21.74 -0.76
CA THR B 8 -4.87 22.03 -1.77
C THR B 8 -4.81 20.88 -2.77
N THR B 9 -4.67 21.22 -4.04
CA THR B 9 -4.55 20.20 -5.07
C THR B 9 -3.75 20.75 -6.28
N ILE B 10 -3.62 19.93 -7.29
CA ILE B 10 -2.78 20.27 -8.43
C ILE B 10 -3.42 19.69 -9.68
N LEU B 11 -3.23 20.34 -10.82
CA LEU B 11 -3.78 19.79 -12.06
C LEU B 11 -2.92 18.64 -12.52
N GLU B 12 -3.55 17.50 -12.75
CA GLU B 12 -2.84 16.29 -13.21
C GLU B 12 -3.89 15.29 -13.71
N GLU B 13 -3.82 14.95 -15.00
CA GLU B 13 -4.81 14.07 -15.63
C GLU B 13 -4.54 12.64 -15.19
N PRO B 14 -5.60 11.84 -14.88
CA PRO B 14 -7.02 12.16 -14.80
C PRO B 14 -7.46 12.43 -13.34
N TYR B 15 -6.51 12.75 -12.49
CA TYR B 15 -6.82 12.97 -11.07
C TYR B 15 -7.59 14.28 -10.82
N VAL B 16 -7.09 15.37 -11.42
CA VAL B 16 -7.67 16.69 -11.26
C VAL B 16 -7.53 17.40 -12.60
N MET B 17 -8.67 17.73 -13.21
CA MET B 17 -8.69 18.38 -14.53
C MET B 17 -9.77 19.44 -14.56
N TYR B 18 -9.59 20.41 -15.45
CA TYR B 18 -10.63 21.37 -15.76
C TYR B 18 -11.73 20.65 -16.54
N ARG B 19 -12.94 20.73 -16.00
CA ARG B 19 -14.14 20.20 -16.65
C ARG B 19 -14.36 20.92 -17.98
N LYS B 20 -14.69 20.15 -19.03
CA LYS B 20 -15.05 20.72 -20.33
C LYS B 20 -16.41 21.38 -20.28
N SER B 21 -16.46 22.62 -20.77
CA SER B 21 -17.68 23.40 -20.79
C SER B 21 -17.61 24.40 -21.93
N ASP B 22 -18.77 24.78 -22.46
CA ASP B 22 -18.83 25.87 -23.43
C ASP B 22 -19.10 27.20 -22.72
N LYS B 23 -19.41 27.12 -21.43
CA LYS B 23 -19.71 28.29 -20.61
C LYS B 23 -18.76 28.35 -19.40
N PRO B 24 -18.47 29.58 -18.91
CA PRO B 24 -17.55 29.76 -17.78
C PRO B 24 -17.94 28.97 -16.54
N LEU B 25 -16.96 28.30 -15.94
CA LEU B 25 -17.17 27.58 -14.67
C LEU B 25 -16.41 28.26 -13.55
N TYR B 26 -16.99 28.22 -12.35
CA TYR B 26 -16.42 28.83 -11.14
C TYR B 26 -16.41 27.88 -9.93
N GLY B 27 -15.57 28.16 -8.94
CA GLY B 27 -15.54 27.39 -7.69
C GLY B 27 -15.15 25.93 -7.92
N ASN B 28 -15.67 25.03 -7.08
CA ASN B 28 -15.34 23.60 -7.22
C ASN B 28 -15.82 23.02 -8.54
N ASP B 29 -16.84 23.64 -9.12
CA ASP B 29 -17.39 23.19 -10.41
C ASP B 29 -16.41 23.22 -11.57
N ARG B 30 -15.32 23.97 -11.42
CA ARG B 30 -14.29 24.00 -12.46
C ARG B 30 -13.63 22.65 -12.67
N PHE B 31 -13.63 21.82 -11.62
CA PHE B 31 -12.79 20.63 -11.58
C PHE B 31 -13.55 19.32 -11.65
N GLU B 32 -12.89 18.33 -12.24
CA GLU B 32 -13.37 16.96 -12.26
C GLU B 32 -12.17 16.03 -12.22
N GLY B 33 -12.42 14.76 -11.91
CA GLY B 33 -11.36 13.76 -11.95
C GLY B 33 -11.46 12.78 -10.78
N TYR B 34 -10.56 11.81 -10.78
CA TYR B 34 -10.50 10.77 -9.75
C TYR B 34 -10.43 11.36 -8.35
N CYS B 35 -9.57 12.35 -8.15
CA CYS B 35 -9.41 12.95 -6.82
C CYS B 35 -10.64 13.77 -6.37
N LEU B 36 -11.32 14.40 -7.33
CA LEU B 36 -12.58 15.09 -7.03
C LEU B 36 -13.64 14.09 -6.59
N ASP B 37 -13.72 12.94 -7.27
CA ASP B 37 -14.62 11.86 -6.85
C ASP B 37 -14.25 11.34 -5.46
N LEU B 38 -12.95 11.15 -5.20
CA LEU B 38 -12.50 10.72 -3.89
C LEU B 38 -12.95 11.76 -2.84
N LEU B 39 -12.79 13.03 -3.19
CA LEU B 39 -13.17 14.12 -2.28
C LEU B 39 -14.66 14.09 -1.95
N LYS B 40 -15.49 13.83 -2.95
CA LYS B 40 -16.92 13.70 -2.71
C LYS B 40 -17.22 12.55 -1.72
N GLU B 41 -16.55 11.42 -1.91
CA GLU B 41 -16.75 10.27 -1.02
C GLU B 41 -16.26 10.52 0.40
N LEU B 42 -15.05 11.06 0.51
CA LEU B 42 -14.44 11.32 1.81
C LEU B 42 -15.26 12.33 2.59
N SER B 43 -15.69 13.39 1.90
CA SER B 43 -16.45 14.43 2.57
C SER B 43 -17.81 13.94 3.07
N ASN B 44 -18.46 13.05 2.31
CA ASN B 44 -19.69 12.42 2.77
C ASN B 44 -19.47 11.63 4.06
N ILE B 45 -18.36 10.89 4.10
CA ILE B 45 -18.06 10.00 5.23
C ILE B 45 -17.67 10.79 6.48
N LEU B 46 -16.93 11.87 6.30
CA LEU B 46 -16.43 12.65 7.43
C LEU B 46 -17.35 13.81 7.86
N GLY B 47 -18.25 14.26 6.98
CA GLY B 47 -19.22 15.31 7.33
C GLY B 47 -18.75 16.73 7.09
N PHE B 48 -18.07 16.98 5.97
CA PHE B 48 -17.66 18.34 5.65
C PHE B 48 -17.93 18.77 4.19
N ILE B 49 -18.03 20.08 3.96
CA ILE B 49 -17.86 20.63 2.62
C ILE B 49 -16.49 21.25 2.53
N TYR B 50 -16.10 21.67 1.32
CA TYR B 50 -14.69 21.98 1.07
C TYR B 50 -14.54 22.96 -0.06
N ASP B 51 -13.38 23.61 -0.08
CA ASP B 51 -13.04 24.60 -1.06
C ASP B 51 -11.77 24.10 -1.70
N VAL B 52 -11.82 23.85 -3.01
CA VAL B 52 -10.66 23.31 -3.74
C VAL B 52 -9.79 24.46 -4.22
N LYS B 53 -8.51 24.45 -3.85
CA LYS B 53 -7.62 25.54 -4.22
C LYS B 53 -6.37 24.98 -4.86
N LEU B 54 -6.13 25.32 -6.14
CA LEU B 54 -4.91 24.87 -6.79
C LEU B 54 -3.69 25.48 -6.10
N VAL B 55 -2.70 24.64 -5.87
CA VAL B 55 -1.47 25.10 -5.23
C VAL B 55 -0.85 26.25 -6.06
N PRO B 56 -0.62 27.40 -5.41
CA PRO B 56 -0.20 28.59 -6.16
C PRO B 56 1.07 28.41 -7.01
N ASP B 57 2.08 27.74 -6.47
CA ASP B 57 3.33 27.56 -7.23
C ASP B 57 3.29 26.36 -8.20
N GLY B 58 2.17 25.63 -8.20
CA GLY B 58 1.99 24.52 -9.16
C GLY B 58 2.92 23.33 -8.95
N LYS B 59 3.43 23.20 -7.74
CA LYS B 59 4.37 22.12 -7.37
C LYS B 59 3.80 21.11 -6.36
N TYR B 60 4.33 19.88 -6.42
CA TYR B 60 3.97 18.83 -5.46
C TYR B 60 4.66 19.11 -4.15
N GLY B 61 5.99 19.21 -4.19
CA GLY B 61 6.75 19.69 -3.03
C GLY B 61 8.07 19.00 -2.83
N ALA B 62 9.10 19.81 -2.65
CA ALA B 62 10.44 19.33 -2.35
C ALA B 62 11.14 20.34 -1.45
N GLN B 63 12.16 19.85 -0.77
CA GLN B 63 12.95 20.63 0.17
C GLN B 63 14.23 21.11 -0.53
N ASN B 64 14.58 22.38 -0.34
CA ASN B 64 15.83 22.87 -0.90
C ASN B 64 16.99 22.61 0.05
N ASP B 65 18.16 23.15 -0.29
CA ASP B 65 19.35 23.00 0.53
C ASP B 65 19.16 23.68 1.89
N LYS B 66 18.48 24.83 1.87
CA LYS B 66 18.15 25.58 3.07
C LYS B 66 17.15 24.85 3.97
N GLY B 67 16.53 23.78 3.45
CA GLY B 67 15.61 22.95 4.20
C GLY B 67 14.15 23.36 4.05
N GLU B 68 13.92 24.33 3.17
CA GLU B 68 12.59 24.93 3.01
C GLU B 68 11.82 24.14 1.96
N TRP B 69 10.56 23.88 2.25
CA TRP B 69 9.65 23.17 1.34
C TRP B 69 8.90 24.11 0.41
N ASN B 70 8.37 23.56 -0.68
CA ASN B 70 7.44 24.32 -1.53
C ASN B 70 6.22 23.43 -1.85
N GLY B 71 5.40 23.88 -2.79
CA GLY B 71 4.29 23.10 -3.29
C GLY B 71 3.19 22.79 -2.30
N MET B 72 2.50 21.69 -2.55
CA MET B 72 1.40 21.31 -1.66
C MET B 72 1.90 20.97 -0.28
N VAL B 73 3.11 20.38 -0.20
CA VAL B 73 3.67 20.04 1.11
C VAL B 73 3.81 21.30 1.96
N LYS B 74 4.37 22.37 1.40
CA LYS B 74 4.47 23.66 2.11
C LYS B 74 3.10 24.20 2.56
N GLU B 75 2.08 24.09 1.71
CA GLU B 75 0.73 24.52 2.11
C GLU B 75 0.25 23.80 3.36
N LEU B 76 0.53 22.51 3.43
CA LEU B 76 0.16 21.75 4.62
C LEU B 76 1.01 22.17 5.83
N ILE B 77 2.34 22.12 5.70
CA ILE B 77 3.22 22.55 6.79
C ILE B 77 2.80 23.92 7.39
N ASP B 78 2.54 24.88 6.50
CA ASP B 78 2.12 26.23 6.90
C ASP B 78 0.65 26.39 7.28
N HIS B 79 -0.07 25.26 7.34
CA HIS B 79 -1.50 25.27 7.64
C HIS B 79 -2.25 26.30 6.81
N ARG B 80 -1.97 26.34 5.51
CA ARG B 80 -2.73 27.12 4.53
C ARG B 80 -3.86 26.29 3.98
N ALA B 81 -3.74 24.98 4.13
CA ALA B 81 -4.79 24.06 3.71
C ALA B 81 -5.00 22.99 4.77
N ASP B 82 -6.23 22.47 4.83
CA ASP B 82 -6.56 21.38 5.76
C ASP B 82 -6.16 19.99 5.26
N LEU B 83 -6.29 19.80 3.95
CA LEU B 83 -5.99 18.53 3.27
C LEU B 83 -5.33 18.81 1.96
N ALA B 84 -4.50 17.86 1.51
CA ALA B 84 -4.07 17.81 0.12
C ALA B 84 -4.68 16.56 -0.49
N VAL B 85 -5.60 16.77 -1.42
CA VAL B 85 -6.24 15.64 -2.11
C VAL B 85 -5.81 15.70 -3.56
N ALA B 86 -4.85 14.84 -3.89
CA ALA B 86 -4.07 14.95 -5.11
C ALA B 86 -3.33 13.63 -5.24
N PRO B 87 -2.73 13.34 -6.42
CA PRO B 87 -1.81 12.20 -6.53
C PRO B 87 -0.47 12.53 -5.84
N LEU B 88 -0.51 12.60 -4.50
CA LEU B 88 0.63 13.03 -3.69
C LEU B 88 1.33 11.79 -3.15
N THR B 89 2.58 11.60 -3.56
CA THR B 89 3.31 10.37 -3.24
C THR B 89 3.75 10.37 -1.78
N ILE B 90 3.46 9.25 -1.11
CA ILE B 90 3.88 9.01 0.29
C ILE B 90 5.36 8.62 0.30
N THR B 91 6.19 9.50 0.87
CA THR B 91 7.63 9.29 0.95
C THR B 91 8.11 9.53 2.37
N TYR B 92 9.26 8.91 2.68
CA TYR B 92 9.95 9.03 3.97
C TYR B 92 10.17 10.50 4.31
N VAL B 93 10.78 11.25 3.38
CA VAL B 93 11.07 12.66 3.65
C VAL B 93 9.83 13.50 3.90
N ARG B 94 8.74 13.21 3.18
CA ARG B 94 7.52 13.96 3.37
C ARG B 94 6.80 13.58 4.66
N GLU B 95 6.78 12.28 4.94
CA GLU B 95 6.12 11.76 6.15
C GLU B 95 6.72 12.36 7.43
N LYS B 96 7.97 12.80 7.37
CA LYS B 96 8.55 13.43 8.54
C LYS B 96 7.95 14.83 8.81
N VAL B 97 7.41 15.47 7.78
CA VAL B 97 6.93 16.87 7.93
C VAL B 97 5.41 17.09 7.84
N ILE B 98 4.70 16.09 7.30
CA ILE B 98 3.24 16.10 7.22
C ILE B 98 2.70 14.72 7.64
N ASP B 99 1.40 14.62 7.83
CA ASP B 99 0.76 13.34 8.16
C ASP B 99 0.01 12.83 6.94
N PHE B 100 0.45 11.73 6.36
CA PHE B 100 -0.30 11.15 5.23
C PHE B 100 -1.34 10.17 5.72
N SER B 101 -2.47 10.12 5.02
CA SER B 101 -3.38 8.99 5.14
C SER B 101 -2.71 7.72 4.62
N LYS B 102 -3.30 6.57 4.91
CA LYS B 102 -2.92 5.34 4.21
C LYS B 102 -3.17 5.47 2.71
N PRO B 103 -2.46 4.68 1.89
CA PRO B 103 -2.55 4.97 0.44
C PRO B 103 -3.89 4.59 -0.20
N PHE B 104 -4.30 5.37 -1.23
CA PHE B 104 -5.48 5.04 -2.01
C PHE B 104 -5.15 4.50 -3.41
N MET B 105 -3.88 4.48 -3.78
CA MET B 105 -3.43 3.97 -5.07
C MET B 105 -1.96 3.61 -4.99
N THR B 106 -1.56 2.58 -5.72
CA THR B 106 -0.17 2.16 -5.76
C THR B 106 0.42 2.41 -7.13
N LEU B 107 1.73 2.65 -7.16
CA LEU B 107 2.40 2.99 -8.43
C LEU B 107 3.90 2.89 -8.24
N GLY B 108 4.63 3.00 -9.35
CA GLY B 108 6.08 3.03 -9.29
C GLY B 108 6.58 3.88 -10.43
N ILE B 109 7.79 4.40 -10.25
CA ILE B 109 8.38 5.20 -11.29
C ILE B 109 8.72 4.30 -12.50
N SER B 110 8.42 4.79 -13.70
CA SER B 110 8.87 4.16 -14.92
C SER B 110 9.24 5.24 -15.96
N ILE B 111 9.41 4.84 -17.21
CA ILE B 111 9.86 5.73 -18.28
C ILE B 111 8.79 5.88 -19.37
N LEU B 112 8.50 7.14 -19.72
CA LEU B 112 7.61 7.47 -20.85
C LEU B 112 8.45 7.98 -22.01
N TYR B 113 8.26 7.40 -23.19
CA TYR B 113 9.03 7.83 -24.36
C TYR B 113 8.24 7.62 -25.65
N ARG B 114 8.80 8.05 -26.78
CA ARG B 114 8.21 7.73 -28.09
C ARG B 114 8.55 6.28 -28.47
N LYS B 115 7.87 5.77 -29.50
CA LYS B 115 8.12 4.40 -30.00
C LYS B 115 9.38 4.32 -30.89
N GLY B 116 9.89 3.11 -31.09
CA GLY B 116 10.86 2.87 -32.17
C GLY B 116 12.33 2.98 -31.84
N THR B 117 12.68 3.00 -30.55
CA THR B 117 14.09 2.97 -30.14
C THR B 117 14.48 1.65 -29.47
N PRO B 118 15.80 1.37 -29.35
CA PRO B 118 16.24 0.15 -28.68
C PRO B 118 16.37 0.29 -27.17
N ILE B 119 16.01 1.45 -26.63
CA ILE B 119 16.12 1.67 -25.20
C ILE B 119 15.05 0.83 -24.50
N ASP B 120 15.49 0.00 -23.54
CA ASP B 120 14.61 -0.98 -22.91
C ASP B 120 14.56 -0.84 -21.39
N SER B 121 15.38 0.05 -20.84
CA SER B 121 15.55 0.14 -19.39
C SER B 121 16.18 1.47 -18.95
N ALA B 122 16.14 1.74 -17.65
CA ALA B 122 16.82 2.93 -17.15
C ALA B 122 18.33 2.82 -17.42
N ASP B 123 18.89 1.60 -17.29
CA ASP B 123 20.30 1.38 -17.57
C ASP B 123 20.66 1.83 -18.99
N ASP B 124 19.85 1.40 -19.96
CA ASP B 124 20.03 1.81 -21.35
C ASP B 124 20.01 3.32 -21.49
N LEU B 125 19.02 3.93 -20.86
CA LEU B 125 18.81 5.37 -20.94
C LEU B 125 19.98 6.13 -20.33
N ALA B 126 20.48 5.65 -19.20
CA ALA B 126 21.63 6.29 -18.53
C ALA B 126 22.90 6.22 -19.36
N LYS B 127 23.05 5.12 -20.09
CA LYS B 127 24.27 4.81 -20.82
C LYS B 127 24.37 5.56 -22.14
N GLN B 128 23.25 5.60 -22.86
CA GLN B 128 23.18 6.25 -24.15
C GLN B 128 23.29 7.77 -24.02
N THR B 129 23.68 8.40 -25.13
CA THR B 129 24.03 9.83 -25.13
C THR B 129 23.23 10.71 -26.13
N LYS B 130 22.12 10.17 -26.66
CA LYS B 130 21.33 10.89 -27.68
C LYS B 130 20.09 11.57 -27.12
N ILE B 131 19.34 10.81 -26.32
CA ILE B 131 18.08 11.33 -25.82
C ILE B 131 18.22 11.86 -24.39
N GLU B 132 17.69 13.06 -24.18
CA GLU B 132 17.72 13.71 -22.87
C GLU B 132 16.62 13.03 -22.03
N TYR B 133 16.71 13.17 -20.72
CA TYR B 133 15.68 12.58 -19.85
C TYR B 133 15.63 13.38 -18.55
N GLY B 134 14.52 13.26 -17.82
CA GLY B 134 14.35 13.98 -16.56
C GLY B 134 13.02 13.68 -15.92
N ALA B 135 12.54 14.63 -15.12
CA ALA B 135 11.38 14.41 -14.28
C ALA B 135 10.75 15.76 -13.94
N VAL B 136 9.57 15.73 -13.32
CA VAL B 136 8.87 16.95 -12.90
C VAL B 136 9.68 17.63 -11.78
N ARG B 137 10.02 18.88 -12.00
CA ARG B 137 10.77 19.62 -10.99
C ARG B 137 10.00 19.63 -9.65
N ASP B 138 10.68 19.25 -8.58
CA ASP B 138 10.14 19.36 -7.21
C ASP B 138 8.98 18.40 -6.93
N GLY B 139 8.96 17.29 -7.68
CA GLY B 139 8.13 16.14 -7.34
C GLY B 139 8.96 15.00 -6.74
N SER B 140 8.26 13.94 -6.36
CA SER B 140 8.87 12.80 -5.69
C SER B 140 9.81 12.02 -6.60
N THR B 141 9.56 12.05 -7.91
CA THR B 141 10.43 11.32 -8.85
C THR B 141 11.81 12.01 -8.87
N MET B 142 11.78 13.33 -8.94
CA MET B 142 13.05 14.09 -8.88
C MET B 142 13.78 13.74 -7.59
N THR B 143 13.04 13.74 -6.48
CA THR B 143 13.65 13.47 -5.19
C THR B 143 14.22 12.04 -5.08
N PHE B 144 13.53 11.08 -5.71
CA PHE B 144 14.01 9.70 -5.76
C PHE B 144 15.40 9.65 -6.40
N PHE B 145 15.57 10.35 -7.52
CA PHE B 145 16.89 10.39 -8.15
C PHE B 145 17.91 11.15 -7.31
N LYS B 146 17.49 12.27 -6.71
CA LYS B 146 18.38 13.12 -5.93
C LYS B 146 18.98 12.36 -4.76
N LYS B 147 18.18 11.45 -4.20
CA LYS B 147 18.53 10.72 -2.98
C LYS B 147 19.07 9.31 -3.22
N SER B 148 19.01 8.85 -4.47
CA SER B 148 19.37 7.47 -4.75
C SER B 148 20.83 7.19 -4.46
N LYS B 149 21.09 6.00 -3.94
CA LYS B 149 22.46 5.51 -3.80
C LYS B 149 22.78 4.43 -4.83
N ILE B 150 21.84 4.14 -5.73
CA ILE B 150 22.06 3.15 -6.77
C ILE B 150 22.81 3.82 -7.93
N SER B 151 23.94 3.26 -8.35
CA SER B 151 24.85 3.96 -9.28
C SER B 151 24.17 4.49 -10.55
N THR B 152 23.37 3.65 -11.21
CA THR B 152 22.65 4.06 -12.43
C THR B 152 21.83 5.32 -12.15
N TYR B 153 21.10 5.30 -11.04
CA TYR B 153 20.23 6.42 -10.70
C TYR B 153 21.02 7.66 -10.24
N GLU B 154 22.14 7.44 -9.55
CA GLU B 154 23.06 8.52 -9.21
C GLU B 154 23.55 9.25 -10.46
N LYS B 155 23.91 8.47 -11.48
CA LYS B 155 24.34 9.01 -12.76
C LYS B 155 23.21 9.83 -13.40
N MET B 156 22.02 9.24 -13.44
CA MET B 156 20.87 9.90 -14.04
C MET B 156 20.55 11.19 -13.29
N TRP B 157 20.71 11.19 -11.97
CA TRP B 157 20.50 12.44 -11.23
C TRP B 157 21.55 13.50 -11.62
N ALA B 158 22.81 13.10 -11.70
CA ALA B 158 23.87 14.01 -12.15
C ALA B 158 23.54 14.60 -13.54
N PHE B 159 23.01 13.75 -14.43
CA PHE B 159 22.67 14.16 -15.80
C PHE B 159 21.52 15.17 -15.78
N MET B 160 20.43 14.83 -15.06
CA MET B 160 19.27 15.74 -14.92
C MET B 160 19.67 17.10 -14.36
N SER B 161 20.50 17.06 -13.31
CA SER B 161 20.97 18.29 -12.65
C SER B 161 21.77 19.14 -13.61
N SER B 162 22.65 18.50 -14.39
CA SER B 162 23.52 19.21 -15.33
C SER B 162 22.75 19.86 -16.50
N ARG B 163 21.54 19.38 -16.74
CA ARG B 163 20.69 19.90 -17.81
C ARG B 163 19.36 20.41 -17.26
N GLN B 164 19.40 20.88 -16.00
CA GLN B 164 18.18 21.15 -15.22
C GLN B 164 17.20 22.09 -15.93
N GLN B 165 17.75 23.08 -16.62
CA GLN B 165 16.93 24.09 -17.33
C GLN B 165 15.87 23.44 -18.24
N THR B 166 16.22 22.30 -18.82
CA THR B 166 15.31 21.58 -19.70
C THR B 166 14.89 20.21 -19.20
N ALA B 167 15.79 19.50 -18.54
CA ALA B 167 15.52 18.14 -18.07
C ALA B 167 14.47 18.07 -16.94
N LEU B 168 14.46 19.08 -16.08
CA LEU B 168 13.50 19.11 -14.98
C LEU B 168 12.34 19.99 -15.41
N VAL B 169 11.27 19.35 -15.85
CA VAL B 169 10.11 20.03 -16.46
C VAL B 169 9.15 20.59 -15.41
N ARG B 170 8.38 21.61 -15.81
CA ARG B 170 7.53 22.34 -14.88
C ARG B 170 6.44 21.45 -14.30
N ASN B 171 5.91 20.58 -15.13
CA ASN B 171 4.81 19.71 -14.76
C ASN B 171 4.69 18.56 -15.74
N SER B 172 3.86 17.58 -15.38
CA SER B 172 3.74 16.41 -16.24
C SER B 172 3.29 16.76 -17.67
N ASP B 173 2.40 17.74 -17.80
CA ASP B 173 1.93 18.12 -19.14
C ASP B 173 3.07 18.64 -20.03
N GLU B 174 3.93 19.50 -19.48
CA GLU B 174 5.07 19.98 -20.25
C GLU B 174 6.02 18.81 -20.54
N GLY B 175 6.14 17.90 -19.59
CA GLY B 175 6.98 16.70 -19.78
C GLY B 175 6.47 15.86 -20.93
N ILE B 176 5.16 15.66 -20.98
CA ILE B 176 4.56 14.88 -22.08
C ILE B 176 4.82 15.56 -23.44
N GLN B 177 4.63 16.88 -23.50
CA GLN B 177 4.90 17.65 -24.72
C GLN B 177 6.37 17.60 -25.13
N ARG B 178 7.26 17.60 -24.14
CA ARG B 178 8.69 17.51 -24.41
C ARG B 178 9.03 16.13 -25.02
N VAL B 179 8.37 15.08 -24.51
CA VAL B 179 8.51 13.73 -25.09
C VAL B 179 8.05 13.69 -26.55
N LEU B 180 6.91 14.32 -26.81
CA LEU B 180 6.33 14.34 -28.15
C LEU B 180 7.12 15.15 -29.18
N THR B 181 7.81 16.19 -28.72
CA THR B 181 8.39 17.19 -29.63
C THR B 181 9.92 17.23 -29.69
N THR B 182 10.58 16.58 -28.75
CA THR B 182 12.03 16.55 -28.72
C THR B 182 12.49 15.12 -28.37
N ASP B 183 13.78 14.84 -28.49
CA ASP B 183 14.32 13.54 -28.05
C ASP B 183 14.52 13.57 -26.55
N TYR B 184 13.43 13.32 -25.85
CA TYR B 184 13.38 13.41 -24.39
C TYR B 184 12.50 12.28 -23.86
N ALA B 185 12.94 11.66 -22.77
CA ALA B 185 12.19 10.61 -22.08
C ALA B 185 11.88 11.14 -20.70
N LEU B 186 10.66 10.90 -20.25
CA LEU B 186 10.18 11.40 -18.96
C LEU B 186 10.10 10.27 -17.96
N LEU B 187 10.70 10.49 -16.78
CA LEU B 187 10.56 9.57 -15.67
C LEU B 187 9.27 9.96 -14.96
N MET B 188 8.27 9.05 -15.03
CA MET B 188 6.89 9.34 -14.69
C MET B 188 6.31 8.16 -13.94
N GLU B 189 5.40 8.45 -13.00
CA GLU B 189 4.73 7.42 -12.24
C GLU B 189 3.79 6.59 -13.14
N SER B 190 3.78 5.28 -12.88
CA SER B 190 3.23 4.25 -13.77
C SER B 190 1.74 4.43 -14.07
N THR B 191 0.97 4.93 -13.09
CA THR B 191 -0.46 5.11 -13.31
C THR B 191 -0.72 6.25 -14.29
N SER B 192 0.16 7.26 -14.25
CA SER B 192 0.05 8.36 -15.18
C SER B 192 0.51 7.91 -16.58
N ILE B 193 1.55 7.07 -16.65
CA ILE B 193 1.97 6.49 -17.94
C ILE B 193 0.83 5.67 -18.51
N GLU B 194 0.22 4.86 -17.65
CA GLU B 194 -0.92 3.98 -18.05
C GLU B 194 -2.04 4.81 -18.69
N TYR B 195 -2.31 5.97 -18.10
CA TYR B 195 -3.36 6.86 -18.59
C TYR B 195 -3.02 7.44 -19.96
N VAL B 196 -1.83 8.03 -20.07
CA VAL B 196 -1.47 8.73 -21.32
C VAL B 196 -1.24 7.80 -22.52
N THR B 197 -0.68 6.62 -22.26
CA THR B 197 -0.37 5.70 -23.36
C THR B 197 -1.62 5.01 -23.96
N GLN B 198 -2.73 5.04 -23.22
CA GLN B 198 -4.00 4.56 -23.79
C GLN B 198 -4.77 5.66 -24.52
N ARG B 199 -4.17 6.84 -24.61
CA ARG B 199 -4.80 7.97 -25.30
C ARG B 199 -3.92 8.62 -26.38
N ASN B 200 -2.62 8.45 -26.27
CA ASN B 200 -1.74 8.90 -27.34
C ASN B 200 -0.89 7.73 -27.78
N CYS B 201 -1.20 7.21 -28.96
CA CYS B 201 -0.58 5.96 -29.39
C CYS B 201 0.86 6.16 -29.89
N ASN B 202 1.34 7.40 -29.87
CA ASN B 202 2.74 7.68 -30.21
C ASN B 202 3.66 7.52 -29.02
N LEU B 203 3.07 7.33 -27.84
CA LEU B 203 3.80 7.19 -26.58
C LEU B 203 3.79 5.75 -26.04
N THR B 204 4.84 5.39 -25.31
CA THR B 204 4.96 4.05 -24.75
C THR B 204 5.70 4.08 -23.43
N GLN B 205 5.45 3.09 -22.59
CA GLN B 205 6.26 2.88 -21.40
C GLN B 205 7.54 2.10 -21.75
N ILE B 206 8.68 2.55 -21.25
CA ILE B 206 9.96 1.83 -21.39
C ILE B 206 10.35 1.13 -20.08
N GLY B 207 10.55 -0.18 -20.15
CA GLY B 207 10.95 -0.98 -18.99
C GLY B 207 9.81 -1.14 -17.99
N GLY B 208 10.15 -1.61 -16.80
CA GLY B 208 9.16 -1.89 -15.79
C GLY B 208 9.23 -0.81 -14.75
N LEU B 209 8.76 -1.14 -13.53
CA LEU B 209 8.74 -0.18 -12.43
C LEU B 209 10.05 -0.22 -11.65
N ILE B 210 10.59 0.95 -11.35
CA ILE B 210 11.87 0.97 -10.67
C ILE B 210 11.74 1.04 -9.15
N ASP B 211 10.52 1.35 -8.70
CA ASP B 211 10.20 1.33 -7.27
C ASP B 211 8.70 1.03 -7.08
N SER B 212 8.25 1.02 -5.84
CA SER B 212 6.82 0.79 -5.56
C SER B 212 6.44 1.62 -4.36
N LYS B 213 5.34 2.34 -4.47
CA LYS B 213 4.89 3.24 -3.39
C LYS B 213 3.45 3.62 -3.64
N GLY B 214 2.95 4.54 -2.83
CA GLY B 214 1.54 4.89 -2.86
C GLY B 214 1.26 6.38 -2.83
N TYR B 215 0.05 6.73 -3.27
CA TYR B 215 -0.49 8.09 -3.13
C TYR B 215 -1.33 8.14 -1.85
N GLY B 216 -1.16 9.20 -1.06
CA GLY B 216 -2.03 9.42 0.11
C GLY B 216 -2.58 10.83 0.16
N VAL B 217 -3.63 11.00 0.96
CA VAL B 217 -4.12 12.35 1.26
C VAL B 217 -3.18 12.95 2.33
N GLY B 218 -2.71 14.16 2.06
CA GLY B 218 -1.81 14.87 2.97
C GLY B 218 -2.57 15.73 3.96
N THR B 219 -2.10 15.76 5.20
CA THR B 219 -2.64 16.67 6.20
C THR B 219 -1.47 17.23 7.02
N PRO B 220 -1.66 18.40 7.65
CA PRO B 220 -0.60 18.94 8.49
C PRO B 220 -0.37 17.99 9.66
N ILE B 221 0.86 17.95 10.16
CA ILE B 221 1.17 17.07 11.31
C ILE B 221 0.21 17.36 12.45
N GLY B 222 -0.32 16.30 13.04
CA GLY B 222 -1.26 16.45 14.15
C GLY B 222 -2.68 16.75 13.73
N SER B 223 -2.97 16.77 12.42
CA SER B 223 -4.34 17.01 11.97
C SER B 223 -5.32 16.02 12.59
N PRO B 224 -6.48 16.50 13.06
CA PRO B 224 -7.54 15.66 13.59
C PRO B 224 -8.37 14.96 12.48
N TYR B 225 -7.99 15.16 11.22
CA TYR B 225 -8.68 14.52 10.10
C TYR B 225 -7.95 13.32 9.54
N ARG B 226 -6.64 13.23 9.77
CA ARG B 226 -5.84 12.21 9.08
C ARG B 226 -6.36 10.80 9.35
N ASP B 227 -6.59 10.48 10.61
CA ASP B 227 -7.01 9.12 10.99
C ASP B 227 -8.40 8.79 10.46
N LYS B 228 -9.30 9.76 10.53
CA LYS B 228 -10.63 9.66 9.91
C LYS B 228 -10.56 9.44 8.39
N ILE B 229 -9.63 10.13 7.73
CA ILE B 229 -9.42 9.98 6.30
C ILE B 229 -8.88 8.58 6.00
N THR B 230 -7.92 8.14 6.81
CA THR B 230 -7.38 6.79 6.66
C THR B 230 -8.48 5.76 6.78
N ILE B 231 -9.33 5.91 7.81
CA ILE B 231 -10.42 4.97 8.01
C ILE B 231 -11.39 4.98 6.83
N ALA B 232 -11.73 6.19 6.34
CA ALA B 232 -12.58 6.34 5.15
C ALA B 232 -11.97 5.66 3.89
N ILE B 233 -10.68 5.87 3.68
CA ILE B 233 -9.99 5.27 2.55
C ILE B 233 -10.04 3.75 2.62
N LEU B 234 -9.79 3.19 3.79
CA LEU B 234 -9.86 1.75 3.97
C LEU B 234 -11.26 1.22 3.66
N GLN B 235 -12.27 1.97 4.09
CA GLN B 235 -13.69 1.62 3.85
C GLN B 235 -13.96 1.62 2.34
N LEU B 236 -13.54 2.66 1.64
CA LEU B 236 -13.74 2.75 0.20
C LEU B 236 -12.99 1.65 -0.55
N GLN B 237 -11.80 1.31 -0.05
CA GLN B 237 -10.96 0.27 -0.62
C GLN B 237 -11.68 -1.07 -0.51
N GLU B 238 -12.07 -1.43 0.70
CA GLU B 238 -12.71 -2.71 1.00
C GLU B 238 -14.02 -2.89 0.25
N GLU B 239 -14.78 -1.81 0.12
CA GLU B 239 -16.07 -1.85 -0.55
C GLU B 239 -15.94 -1.93 -2.06
N GLY B 240 -14.73 -1.71 -2.56
CA GLY B 240 -14.45 -1.75 -4.02
C GLY B 240 -14.66 -0.42 -4.74
N LYS B 241 -14.93 0.64 -3.98
CA LYS B 241 -15.22 1.95 -4.56
C LYS B 241 -13.99 2.59 -5.21
N LEU B 242 -12.83 2.35 -4.62
CA LEU B 242 -11.60 2.91 -5.18
C LEU B 242 -11.29 2.24 -6.53
N HIS B 243 -11.55 0.93 -6.61
CA HIS B 243 -11.36 0.18 -7.84
C HIS B 243 -12.30 0.72 -8.93
N MET B 244 -13.56 0.94 -8.56
CA MET B 244 -14.56 1.51 -9.46
C MET B 244 -14.14 2.89 -9.99
N MET B 245 -13.63 3.72 -9.08
CA MET B 245 -13.21 5.06 -9.46
C MET B 245 -12.05 4.99 -10.44
N LYS B 246 -11.12 4.07 -10.19
CA LYS B 246 -9.97 3.90 -11.08
C LYS B 246 -10.45 3.46 -12.46
N GLU B 247 -11.33 2.46 -12.52
CA GLU B 247 -11.88 2.02 -13.80
C GLU B 247 -12.60 3.18 -14.51
N LYS B 248 -13.23 4.06 -13.73
CA LYS B 248 -14.02 5.15 -14.33
C LYS B 248 -13.13 6.14 -15.06
N TRP B 249 -12.02 6.49 -14.42
CA TRP B 249 -11.15 7.54 -14.94
C TRP B 249 -10.06 7.07 -15.92
N TRP B 250 -9.69 5.80 -15.84
CA TRP B 250 -8.72 5.24 -16.76
C TRP B 250 -9.39 4.52 -17.95
N ARG B 251 -10.43 3.73 -17.67
CA ARG B 251 -11.12 2.92 -18.70
C ARG B 251 -10.24 2.56 -19.90
N GLY B 252 -9.00 2.14 -19.61
CA GLY B 252 -7.95 1.98 -20.60
C GLY B 252 -8.19 0.86 -21.58
N ASN B 253 -8.00 1.17 -22.87
CA ASN B 253 -8.29 0.29 -24.01
C ASN B 253 -8.24 1.09 -25.33
N GLY B 254 -7.25 1.97 -25.46
CA GLY B 254 -7.20 2.94 -26.55
C GLY B 254 -6.15 2.79 -27.64
N CYS B 255 -5.11 2.00 -27.39
CA CYS B 255 -3.99 1.87 -28.35
C CYS B 255 -3.51 0.42 -28.45
N PRO B 256 -2.99 0.03 -29.62
CA PRO B 256 -2.40 -1.31 -29.75
C PRO B 256 -1.26 -1.59 -28.77
N GLU C . -3.29 -11.72 8.52
CA GLU C . -4.63 -12.10 9.05
C GLU C . -5.04 -11.15 10.17
O GLU C . -6.05 -11.31 10.86
CB GLU C . -4.60 -13.54 9.57
CG GLU C . -4.68 -14.58 8.46
CD GLU C . -6.05 -14.63 7.76
OE1 GLU C . -6.15 -15.20 6.64
OE2 GLU C . -7.05 -14.11 8.30
OXT GLU C . -4.32 -10.20 10.40
S SO4 D . 5.80 -17.33 25.00
O1 SO4 D . 5.83 -18.24 23.85
O2 SO4 D . 5.77 -15.92 24.56
O3 SO4 D . 4.58 -17.61 25.76
O4 SO4 D . 6.97 -17.57 25.84
S SO4 E . 20.68 -14.30 10.14
O1 SO4 E . 19.66 -14.76 9.21
O2 SO4 E . 21.67 -13.47 9.46
O3 SO4 E . 20.05 -13.51 11.20
O4 SO4 E . 21.34 -15.46 10.74
N GLU F . 3.12 12.24 -7.52
CA GLU F . 4.40 13.02 -7.48
C GLU F . 4.60 13.78 -6.16
O GLU F . 5.58 14.53 -5.95
CB GLU F . 4.46 14.01 -8.64
CG GLU F . 4.85 13.38 -9.97
CD GLU F . 6.29 12.88 -10.05
OE1 GLU F . 7.17 13.30 -9.25
OE2 GLU F . 6.55 12.05 -10.97
OXT GLU F . 3.79 13.63 -5.25
S SO4 G . -8.39 28.98 -6.97
O1 SO4 G . -7.44 29.79 -6.20
O2 SO4 G . -7.74 27.73 -7.36
O3 SO4 G . -9.56 28.67 -6.16
O4 SO4 G . -8.82 29.73 -8.15
#